data_4A4D
#
_entry.id   4A4D
#
_cell.length_a   66.180
_cell.length_b   73.801
_cell.length_c   104.000
_cell.angle_alpha   90.00
_cell.angle_beta   90.00
_cell.angle_gamma   90.00
#
_symmetry.space_group_name_H-M   'I 2 2 2'
#
loop_
_entity.id
_entity.type
_entity.pdbx_description
1 polymer 'PROBABLE ATP-DEPENDENT RNA HELICASE DDX5'
2 water water
#
_entity_poly.entity_id   1
_entity_poly.type   'polypeptide(L)'
_entity_poly.pdbx_seq_one_letter_code
;PKFEKNFYQEHPDLARRTAQEVETYRRSKEITVRGHNCPKPVLNFYEANFPANVMDVIARQNFTEPTAIQAQGWPVALSG
LDMVGVAQTGSGKTLSYLLPAIVHINHQPFLERGDGPICLVLAPTRELAQQVQQVAAEYCRACRLKSTCIYGGAPKGPQI
RDLERGVEICIATPGRLIDFLECGKTNLRRTTYLVLDEADRMLDMGFEPQIRKIVDQIRPDRQTLMWSATWPKEVRQLAE
DFLKDYIHINIGA
;
_entity_poly.pdbx_strand_id   A
#
# COMPACT_ATOMS: atom_id res chain seq x y z
N PRO A 1 -9.84 16.73 9.19
CA PRO A 1 -10.08 16.12 10.52
C PRO A 1 -8.82 15.46 11.03
N LYS A 2 -7.97 16.26 11.67
CA LYS A 2 -6.70 15.77 12.22
C LYS A 2 -6.83 14.67 13.27
N PHE A 3 -7.92 13.92 13.23
CA PHE A 3 -8.17 12.80 14.13
C PHE A 3 -8.14 11.57 13.25
N GLU A 4 -7.11 10.76 13.41
CA GLU A 4 -6.99 9.58 12.56
C GLU A 4 -6.15 8.47 13.15
N LYS A 5 -6.71 7.27 13.03
CA LYS A 5 -6.06 6.08 13.51
C LYS A 5 -5.67 5.01 12.51
N ASN A 6 -4.39 4.67 12.60
CA ASN A 6 -3.77 3.58 11.86
C ASN A 6 -3.34 3.02 13.22
N PHE A 7 -3.64 1.75 13.46
CA PHE A 7 -3.45 1.22 14.79
C PHE A 7 -2.07 0.83 15.16
N TYR A 8 -1.99 -0.47 15.32
CA TYR A 8 -0.86 -1.23 15.71
C TYR A 8 -1.60 -2.51 15.46
N GLN A 9 -0.91 -3.59 15.17
CA GLN A 9 -1.60 -4.86 15.00
C GLN A 9 -1.16 -5.40 16.36
N GLU A 10 -1.83 -6.39 16.94
CA GLU A 10 -1.24 -6.92 18.16
C GLU A 10 -1.13 -8.35 17.70
N HIS A 11 0.06 -8.90 17.82
CA HIS A 11 0.33 -10.25 17.38
C HIS A 11 -0.29 -11.21 18.39
N PRO A 12 -1.22 -12.07 17.93
CA PRO A 12 -1.83 -13.01 18.87
C PRO A 12 -0.67 -13.68 19.58
N ASP A 13 -0.86 -13.98 20.86
CA ASP A 13 0.20 -14.61 21.64
C ASP A 13 0.79 -15.79 20.87
N LEU A 14 -0.02 -16.37 20.00
CA LEU A 14 0.40 -17.51 19.19
C LEU A 14 1.62 -17.13 18.35
N ALA A 15 1.92 -15.84 18.31
CA ALA A 15 3.05 -15.31 17.57
C ALA A 15 4.15 -14.89 18.53
N ARG A 16 4.30 -15.65 19.62
CA ARG A 16 5.31 -15.36 20.62
C ARG A 16 6.46 -16.37 20.50
N ARG A 17 7.44 -16.03 19.68
CA ARG A 17 8.61 -16.87 19.46
C ARG A 17 9.81 -15.97 19.22
N THR A 18 10.04 -15.06 20.18
CA THR A 18 11.12 -14.08 20.13
C THR A 18 12.54 -14.60 19.85
N ALA A 19 12.88 -15.78 20.35
CA ALA A 19 14.21 -16.35 20.12
C ALA A 19 14.56 -16.20 18.64
N GLN A 20 15.84 -16.29 18.31
CA GLN A 20 16.29 -16.17 16.93
C GLN A 20 15.68 -17.25 16.04
N GLU A 21 14.44 -17.60 16.37
CA GLU A 21 13.67 -18.59 15.63
C GLU A 21 13.20 -17.87 14.37
N VAL A 22 13.29 -16.54 14.43
CA VAL A 22 12.87 -15.66 13.34
C VAL A 22 14.00 -15.39 12.35
N GLU A 23 15.20 -15.15 12.88
CA GLU A 23 16.36 -14.88 12.04
C GLU A 23 16.55 -16.06 11.09
N THR A 24 16.02 -17.20 11.52
CA THR A 24 16.11 -18.42 10.75
C THR A 24 15.15 -18.31 9.58
N TYR A 25 13.97 -17.74 9.85
CA TYR A 25 12.95 -17.55 8.83
C TYR A 25 13.39 -16.46 7.86
N ARG A 26 13.94 -15.39 8.40
CA ARG A 26 14.40 -14.27 7.59
C ARG A 26 15.59 -14.66 6.73
N ARG A 27 16.62 -15.26 7.34
CA ARG A 27 17.78 -15.66 6.55
C ARG A 27 17.36 -16.75 5.58
N SER A 28 16.22 -17.36 5.85
CA SER A 28 15.69 -18.40 5.00
C SER A 28 14.94 -17.81 3.82
N LYS A 29 14.36 -16.63 4.02
CA LYS A 29 13.59 -15.96 2.96
C LYS A 29 14.35 -14.81 2.31
N GLU A 30 15.58 -14.57 2.77
CA GLU A 30 16.43 -13.52 2.25
C GLU A 30 15.92 -12.15 2.71
N ILE A 31 15.16 -12.15 3.80
CA ILE A 31 14.60 -10.91 4.35
C ILE A 31 15.65 -10.14 5.13
N THR A 32 15.66 -8.82 4.96
CA THR A 32 16.61 -7.95 5.65
C THR A 32 15.92 -6.72 6.21
N VAL A 33 15.74 -6.70 7.52
CA VAL A 33 15.08 -5.59 8.17
C VAL A 33 15.99 -4.52 8.77
N ARG A 34 15.63 -3.26 8.54
CA ARG A 34 16.39 -2.14 9.07
C ARG A 34 15.47 -1.02 9.51
N GLY A 35 15.23 -0.96 10.82
CA GLY A 35 14.38 0.08 11.37
C GLY A 35 14.18 -0.09 12.86
N HIS A 36 13.59 0.92 13.49
CA HIS A 36 13.32 0.88 14.91
C HIS A 36 12.05 0.04 15.07
N ASN A 37 12.02 -0.79 16.11
CA ASN A 37 10.85 -1.62 16.36
C ASN A 37 10.30 -2.28 15.11
N CYS A 38 11.03 -3.24 14.57
CA CYS A 38 10.54 -3.95 13.40
C CYS A 38 9.91 -5.25 13.92
N PRO A 39 8.57 -5.37 13.79
CA PRO A 39 7.86 -6.56 14.25
C PRO A 39 8.23 -7.85 13.53
N LYS A 40 7.87 -8.97 14.16
CA LYS A 40 8.15 -10.28 13.61
C LYS A 40 7.19 -10.56 12.45
N PRO A 41 7.65 -11.33 11.47
CA PRO A 41 6.81 -11.67 10.32
C PRO A 41 5.68 -12.58 10.78
N VAL A 42 4.59 -12.62 10.01
CA VAL A 42 3.48 -13.49 10.34
C VAL A 42 3.60 -14.71 9.42
N LEU A 43 3.66 -15.88 10.03
CA LEU A 43 3.83 -17.12 9.31
C LEU A 43 2.51 -17.72 8.85
N ASN A 44 1.46 -17.42 9.61
CA ASN A 44 0.13 -17.92 9.30
C ASN A 44 -0.86 -16.78 9.25
N PHE A 45 -1.63 -16.73 8.17
CA PHE A 45 -2.63 -15.68 7.95
C PHE A 45 -3.38 -15.34 9.23
N TYR A 46 -3.64 -16.35 10.03
CA TYR A 46 -4.38 -16.18 11.28
C TYR A 46 -3.68 -15.30 12.31
N GLU A 47 -2.36 -15.36 12.34
CA GLU A 47 -1.56 -14.58 13.29
C GLU A 47 -1.70 -13.09 12.96
N ALA A 48 -2.15 -12.81 11.75
CA ALA A 48 -2.36 -11.45 11.30
C ALA A 48 -3.86 -11.26 11.52
N ASN A 49 -4.22 -10.41 12.47
CA ASN A 49 -5.63 -10.20 12.79
C ASN A 49 -6.42 -9.49 11.68
N PHE A 50 -6.81 -10.26 10.66
CA PHE A 50 -7.58 -9.72 9.55
C PHE A 50 -9.07 -9.96 9.80
N PRO A 51 -9.94 -9.19 9.13
CA PRO A 51 -11.39 -9.32 9.26
C PRO A 51 -11.94 -10.58 8.62
N ALA A 52 -13.07 -11.04 9.12
CA ALA A 52 -13.71 -12.24 8.60
C ALA A 52 -13.71 -12.25 7.08
N ASN A 53 -14.30 -11.20 6.51
CA ASN A 53 -14.42 -11.04 5.07
C ASN A 53 -13.14 -11.28 4.29
N VAL A 54 -12.06 -10.60 4.69
CA VAL A 54 -10.77 -10.73 4.02
C VAL A 54 -10.26 -12.16 4.04
N MET A 55 -9.91 -12.64 5.23
CA MET A 55 -9.39 -13.99 5.39
C MET A 55 -10.16 -15.03 4.60
N ASP A 56 -11.43 -14.72 4.33
CA ASP A 56 -12.27 -15.62 3.56
C ASP A 56 -11.71 -15.63 2.13
N VAL A 57 -11.62 -14.43 1.55
CA VAL A 57 -11.13 -14.27 0.18
C VAL A 57 -9.78 -14.94 -0.07
N ILE A 58 -9.06 -15.23 1.01
CA ILE A 58 -7.75 -15.85 0.90
C ILE A 58 -7.88 -17.35 0.60
N ALA A 59 -8.53 -18.08 1.51
CA ALA A 59 -8.73 -19.51 1.33
C ALA A 59 -9.23 -19.73 -0.09
N ARG A 60 -10.18 -18.90 -0.49
CA ARG A 60 -10.76 -18.97 -1.81
C ARG A 60 -9.66 -19.03 -2.86
N GLN A 61 -8.68 -18.15 -2.70
CA GLN A 61 -7.57 -18.08 -3.65
C GLN A 61 -6.69 -19.32 -3.55
N ASN A 62 -6.91 -20.14 -2.52
CA ASN A 62 -6.12 -21.35 -2.34
C ASN A 62 -4.64 -21.02 -2.20
N PHE A 63 -4.31 -20.31 -1.11
CA PHE A 63 -2.94 -19.91 -0.83
C PHE A 63 -2.20 -20.89 0.06
N THR A 64 -0.95 -21.15 -0.29
CA THR A 64 -0.08 -22.05 0.46
C THR A 64 0.42 -21.38 1.74
N GLU A 65 1.15 -20.28 1.59
CA GLU A 65 1.68 -19.53 2.73
C GLU A 65 1.96 -18.07 2.36
N PRO A 66 1.91 -17.16 3.35
CA PRO A 66 2.16 -15.73 3.12
C PRO A 66 3.62 -15.51 2.78
N THR A 67 3.83 -14.99 1.57
CA THR A 67 5.17 -14.73 1.04
C THR A 67 6.07 -14.00 2.04
N ALA A 68 7.35 -13.94 1.70
CA ALA A 68 8.31 -13.24 2.53
C ALA A 68 7.79 -11.81 2.63
N ILE A 69 7.43 -11.28 1.47
CA ILE A 69 6.92 -9.93 1.34
C ILE A 69 5.70 -9.61 2.22
N GLN A 70 4.73 -10.51 2.29
CA GLN A 70 3.55 -10.27 3.09
C GLN A 70 3.74 -10.74 4.52
N ALA A 71 4.52 -11.81 4.70
CA ALA A 71 4.75 -12.31 6.04
C ALA A 71 5.39 -11.19 6.82
N GLN A 72 6.41 -10.58 6.24
CA GLN A 72 7.08 -9.48 6.91
C GLN A 72 6.41 -8.11 6.70
N GLY A 73 5.84 -7.88 5.52
CA GLY A 73 5.20 -6.61 5.24
C GLY A 73 3.83 -6.28 5.84
N TRP A 74 3.04 -7.28 6.22
CA TRP A 74 1.71 -6.99 6.80
C TRP A 74 1.79 -6.37 8.20
N PRO A 75 2.46 -7.06 9.15
CA PRO A 75 2.60 -6.57 10.53
C PRO A 75 3.06 -5.09 10.63
N VAL A 76 4.00 -4.70 9.77
CA VAL A 76 4.51 -3.33 9.73
C VAL A 76 3.42 -2.34 9.31
N ALA A 77 2.68 -2.66 8.24
CA ALA A 77 1.61 -1.79 7.77
C ALA A 77 0.48 -1.79 8.81
N LEU A 78 0.15 -2.97 9.33
CA LEU A 78 -0.89 -3.06 10.34
C LEU A 78 -0.55 -2.22 11.57
N SER A 79 0.74 -1.98 11.81
CA SER A 79 1.18 -1.19 12.96
C SER A 79 1.20 0.29 12.67
N GLY A 80 0.82 0.67 11.46
CA GLY A 80 0.84 2.07 11.08
C GLY A 80 2.24 2.57 10.84
N LEU A 81 3.18 1.67 10.57
CA LEU A 81 4.55 2.10 10.33
C LEU A 81 4.77 2.42 8.84
N ASP A 82 5.72 3.32 8.58
CA ASP A 82 6.07 3.68 7.22
C ASP A 82 7.10 2.65 6.83
N MET A 83 7.26 2.39 5.55
CA MET A 83 8.30 1.47 5.17
C MET A 83 8.68 1.47 3.72
N VAL A 84 9.90 1.00 3.49
CA VAL A 84 10.43 0.89 2.16
C VAL A 84 10.61 -0.60 1.96
N GLY A 85 9.97 -1.10 0.90
CA GLY A 85 10.09 -2.50 0.57
C GLY A 85 10.89 -2.60 -0.70
N VAL A 86 12.03 -3.28 -0.64
CA VAL A 86 12.86 -3.45 -1.82
C VAL A 86 12.79 -4.91 -2.26
N ALA A 87 12.05 -5.14 -3.34
CA ALA A 87 11.90 -6.49 -3.88
C ALA A 87 12.04 -6.44 -5.38
N GLN A 88 12.09 -7.60 -6.00
CA GLN A 88 12.20 -7.71 -7.45
C GLN A 88 10.92 -7.13 -8.09
N THR A 89 11.08 -6.42 -9.20
CA THR A 89 9.92 -5.88 -9.89
C THR A 89 9.03 -7.06 -10.26
N GLY A 90 7.73 -6.91 -10.06
CA GLY A 90 6.82 -8.00 -10.40
C GLY A 90 6.40 -8.89 -9.23
N SER A 91 7.21 -8.91 -8.18
CA SER A 91 6.91 -9.70 -7.00
C SER A 91 5.49 -9.41 -6.47
N GLY A 92 5.06 -10.22 -5.52
CA GLY A 92 3.75 -10.04 -4.93
C GLY A 92 3.83 -9.06 -3.77
N LYS A 93 3.69 -7.78 -4.10
CA LYS A 93 3.74 -6.74 -3.09
C LYS A 93 2.34 -6.16 -2.92
N THR A 94 1.56 -6.20 -3.99
CA THR A 94 0.21 -5.66 -4.01
C THR A 94 -0.63 -6.04 -2.80
N LEU A 95 -0.64 -7.32 -2.48
CA LEU A 95 -1.41 -7.80 -1.34
C LEU A 95 -0.78 -7.42 -0.01
N SER A 96 0.50 -7.04 -0.01
CA SER A 96 1.17 -6.65 1.23
C SER A 96 0.60 -5.37 1.78
N TYR A 97 0.48 -4.36 0.92
CA TYR A 97 -0.04 -3.08 1.34
C TYR A 97 -1.54 -2.99 1.19
N LEU A 98 -2.07 -3.76 0.24
CA LEU A 98 -3.50 -3.77 -0.01
C LEU A 98 -4.33 -4.11 1.22
N LEU A 99 -4.08 -5.28 1.82
CA LEU A 99 -4.86 -5.70 2.99
C LEU A 99 -4.82 -4.78 4.21
N PRO A 100 -3.66 -4.19 4.54
CA PRO A 100 -3.73 -3.31 5.70
C PRO A 100 -4.56 -2.09 5.29
N ALA A 101 -4.53 -1.78 4.00
CA ALA A 101 -5.30 -0.65 3.47
C ALA A 101 -6.80 -0.84 3.81
N ILE A 102 -7.34 -2.03 3.53
CA ILE A 102 -8.74 -2.32 3.81
C ILE A 102 -9.06 -2.13 5.29
N VAL A 103 -8.27 -2.78 6.13
CA VAL A 103 -8.43 -2.69 7.57
C VAL A 103 -8.35 -1.21 7.95
N HIS A 104 -7.37 -0.52 7.38
CA HIS A 104 -7.17 0.90 7.66
C HIS A 104 -8.44 1.70 7.41
N ILE A 105 -8.99 1.49 6.21
CA ILE A 105 -10.19 2.16 5.75
C ILE A 105 -11.41 1.95 6.65
N ASN A 106 -11.50 0.77 7.24
CA ASN A 106 -12.62 0.42 8.10
C ASN A 106 -12.67 1.23 9.41
N HIS A 107 -11.54 1.41 10.06
CA HIS A 107 -11.54 2.19 11.29
C HIS A 107 -11.62 3.66 10.89
N GLN A 108 -12.58 3.95 10.02
CA GLN A 108 -12.82 5.29 9.49
C GLN A 108 -14.24 5.46 8.94
N PRO A 109 -14.82 6.68 9.09
CA PRO A 109 -16.17 7.00 8.62
C PRO A 109 -16.35 6.63 7.16
N PHE A 110 -17.58 6.41 6.74
CA PHE A 110 -17.87 6.06 5.36
C PHE A 110 -17.49 7.24 4.50
N LEU A 111 -17.67 7.09 3.20
CA LEU A 111 -17.31 8.13 2.25
C LEU A 111 -18.46 9.10 1.96
N GLU A 112 -18.27 10.36 2.34
CA GLU A 112 -19.26 11.39 2.08
C GLU A 112 -19.21 11.68 0.58
N ARG A 113 -20.29 12.21 0.02
CA ARG A 113 -20.27 12.54 -1.39
C ARG A 113 -19.24 13.67 -1.51
N GLY A 114 -18.43 13.65 -2.58
CA GLY A 114 -17.43 14.67 -2.76
C GLY A 114 -16.07 14.24 -2.21
N ASP A 115 -16.10 13.38 -1.19
CA ASP A 115 -14.87 12.89 -0.57
C ASP A 115 -14.08 12.04 -1.55
N GLY A 116 -12.79 12.36 -1.66
CA GLY A 116 -11.92 11.62 -2.54
C GLY A 116 -11.43 10.36 -1.86
N PRO A 117 -10.49 9.64 -2.49
CA PRO A 117 -9.92 8.39 -1.95
C PRO A 117 -9.26 8.51 -0.59
N ILE A 118 -9.19 7.39 0.14
CA ILE A 118 -8.57 7.33 1.46
C ILE A 118 -7.18 6.75 1.28
N CYS A 119 -7.15 5.63 0.57
CA CYS A 119 -5.93 4.93 0.24
C CYS A 119 -5.53 5.29 -1.20
N LEU A 120 -4.32 5.77 -1.39
CA LEU A 120 -3.86 6.14 -2.71
C LEU A 120 -2.67 5.31 -3.11
N VAL A 121 -2.72 4.75 -4.30
CA VAL A 121 -1.63 3.92 -4.78
C VAL A 121 -1.10 4.43 -6.10
N LEU A 122 0.17 4.85 -6.12
CA LEU A 122 0.75 5.34 -7.36
C LEU A 122 1.61 4.27 -8.02
N ALA A 123 1.32 4.01 -9.28
CA ALA A 123 2.06 3.01 -10.06
C ALA A 123 2.73 3.76 -11.21
N PRO A 124 3.81 3.18 -11.77
CA PRO A 124 4.52 3.82 -12.88
C PRO A 124 3.77 3.71 -14.22
N THR A 125 3.02 2.62 -14.40
CA THR A 125 2.31 2.40 -15.67
C THR A 125 0.93 1.76 -15.57
N ARG A 126 0.29 1.65 -16.73
CA ARG A 126 -1.03 1.05 -16.81
C ARG A 126 -1.01 -0.47 -16.58
N GLU A 127 0.09 -1.11 -16.94
CA GLU A 127 0.19 -2.54 -16.75
C GLU A 127 -0.03 -2.80 -15.27
N LEU A 128 0.84 -2.20 -14.45
CA LEU A 128 0.81 -2.34 -13.00
C LEU A 128 -0.49 -1.90 -12.35
N ALA A 129 -1.05 -0.78 -12.84
CA ALA A 129 -2.29 -0.26 -12.29
C ALA A 129 -3.42 -1.31 -12.26
N GLN A 130 -3.72 -1.90 -13.41
CA GLN A 130 -4.75 -2.94 -13.51
C GLN A 130 -4.37 -4.17 -12.72
N GLN A 131 -3.09 -4.48 -12.71
CA GLN A 131 -2.57 -5.63 -12.00
C GLN A 131 -2.92 -5.55 -10.51
N VAL A 132 -2.80 -4.34 -9.95
CA VAL A 132 -3.12 -4.12 -8.55
C VAL A 132 -4.64 -4.19 -8.39
N GLN A 133 -5.34 -3.58 -9.36
CA GLN A 133 -6.79 -3.56 -9.36
C GLN A 133 -7.43 -4.94 -9.49
N GLN A 134 -6.73 -5.89 -10.11
CA GLN A 134 -7.28 -7.23 -10.26
C GLN A 134 -6.99 -8.11 -9.05
N VAL A 135 -6.00 -7.70 -8.26
CA VAL A 135 -5.64 -8.44 -7.06
C VAL A 135 -6.55 -7.92 -5.96
N ALA A 136 -6.95 -6.65 -6.10
CA ALA A 136 -7.78 -6.00 -5.11
C ALA A 136 -9.28 -6.19 -5.33
N ALA A 137 -9.73 -6.03 -6.57
CA ALA A 137 -11.14 -6.17 -6.90
C ALA A 137 -11.78 -7.21 -6.00
N GLU A 138 -11.17 -8.39 -5.98
CA GLU A 138 -11.67 -9.52 -5.19
C GLU A 138 -11.89 -9.24 -3.71
N TYR A 139 -11.07 -8.37 -3.14
CA TYR A 139 -11.20 -8.05 -1.73
C TYR A 139 -12.15 -6.88 -1.48
N CYS A 140 -12.33 -6.05 -2.51
CA CYS A 140 -13.23 -4.90 -2.42
C CYS A 140 -14.64 -5.40 -2.68
N ARG A 141 -14.75 -6.28 -3.67
CA ARG A 141 -16.01 -6.89 -4.05
C ARG A 141 -16.51 -7.71 -2.88
N ALA A 142 -15.58 -8.08 -1.99
CA ALA A 142 -15.90 -8.87 -0.81
C ALA A 142 -16.11 -8.02 0.44
N CYS A 143 -16.14 -6.70 0.27
CA CYS A 143 -16.37 -5.81 1.40
C CYS A 143 -17.18 -4.59 0.96
N ARG A 144 -17.05 -3.51 1.71
CA ARG A 144 -17.78 -2.29 1.40
C ARG A 144 -16.82 -1.32 0.75
N LEU A 145 -15.85 -1.87 0.03
CA LEU A 145 -14.87 -1.02 -0.59
C LEU A 145 -14.95 -0.96 -2.11
N LYS A 146 -14.96 0.28 -2.62
CA LYS A 146 -15.00 0.55 -4.05
C LYS A 146 -13.59 0.93 -4.46
N SER A 147 -13.09 0.28 -5.50
CA SER A 147 -11.74 0.55 -5.98
C SER A 147 -11.83 1.00 -7.44
N THR A 148 -10.74 1.54 -7.96
CA THR A 148 -10.73 2.00 -9.34
C THR A 148 -9.34 2.41 -9.84
N CYS A 149 -9.06 2.08 -11.09
CA CYS A 149 -7.81 2.43 -11.75
C CYS A 149 -7.98 3.79 -12.43
N ILE A 150 -6.89 4.38 -12.88
CA ILE A 150 -6.96 5.67 -13.53
C ILE A 150 -5.63 5.97 -14.17
N TYR A 151 -5.57 5.73 -15.48
CA TYR A 151 -4.36 5.93 -16.25
C TYR A 151 -4.68 6.62 -17.56
N GLY A 152 -3.67 7.28 -18.14
CA GLY A 152 -3.85 8.00 -19.39
C GLY A 152 -3.89 7.13 -20.64
N GLY A 153 -4.51 5.97 -20.55
CA GLY A 153 -4.61 5.10 -21.72
C GLY A 153 -5.99 4.52 -21.97
N ALA A 154 -7.01 5.15 -21.37
CA ALA A 154 -8.39 4.69 -21.51
C ALA A 154 -9.36 5.86 -21.46
N PRO A 155 -10.65 5.60 -21.78
CA PRO A 155 -11.66 6.66 -21.75
C PRO A 155 -11.73 7.33 -20.38
N LYS A 156 -11.61 8.65 -20.37
CA LYS A 156 -11.64 9.41 -19.12
C LYS A 156 -13.03 9.40 -18.50
N GLY A 157 -14.04 9.09 -19.32
CA GLY A 157 -15.41 9.07 -18.83
C GLY A 157 -15.65 8.01 -17.77
N PRO A 158 -15.32 6.75 -18.04
CA PRO A 158 -15.52 5.67 -17.07
C PRO A 158 -14.79 5.97 -15.76
N GLN A 159 -13.58 6.51 -15.88
CA GLN A 159 -12.77 6.83 -14.72
C GLN A 159 -13.35 7.96 -13.90
N ILE A 160 -13.69 9.07 -14.55
CA ILE A 160 -14.25 10.20 -13.82
C ILE A 160 -15.56 9.83 -13.15
N ARG A 161 -16.34 8.93 -13.77
CA ARG A 161 -17.60 8.53 -13.18
C ARG A 161 -17.35 7.60 -12.01
N ASP A 162 -16.36 6.72 -12.14
CA ASP A 162 -15.98 5.78 -11.08
C ASP A 162 -15.73 6.61 -9.84
N LEU A 163 -15.00 7.72 -10.05
CA LEU A 163 -14.66 8.64 -8.98
C LEU A 163 -15.84 9.50 -8.54
N GLU A 164 -16.76 9.78 -9.45
CA GLU A 164 -17.93 10.58 -9.09
C GLU A 164 -18.78 9.77 -8.12
N ARG A 165 -18.85 8.47 -8.38
CA ARG A 165 -19.61 7.56 -7.53
C ARG A 165 -18.75 7.08 -6.38
N GLY A 166 -17.73 7.90 -6.07
CA GLY A 166 -16.79 7.70 -4.98
C GLY A 166 -16.20 6.34 -4.60
N VAL A 167 -14.87 6.23 -4.65
CA VAL A 167 -14.18 5.00 -4.30
C VAL A 167 -13.25 5.25 -3.10
N GLU A 168 -13.06 4.23 -2.26
CA GLU A 168 -12.19 4.36 -1.07
C GLU A 168 -10.72 4.15 -1.40
N ILE A 169 -10.48 3.51 -2.52
CA ILE A 169 -9.13 3.19 -2.96
C ILE A 169 -8.90 3.65 -4.38
N CYS A 170 -7.81 4.35 -4.60
CA CYS A 170 -7.51 4.81 -5.95
C CYS A 170 -6.11 4.40 -6.35
N ILE A 171 -6.03 3.72 -7.48
CA ILE A 171 -4.79 3.27 -8.05
C ILE A 171 -4.60 4.20 -9.24
N ALA A 172 -3.45 4.84 -9.35
CA ALA A 172 -3.26 5.73 -10.47
C ALA A 172 -1.81 5.88 -10.91
N THR A 173 -1.65 6.45 -12.10
CA THR A 173 -0.35 6.73 -12.67
C THR A 173 -0.26 8.24 -12.39
N PRO A 174 0.94 8.75 -12.12
CA PRO A 174 1.11 10.18 -11.82
C PRO A 174 0.38 11.14 -12.73
N GLY A 175 1.02 11.49 -13.85
CA GLY A 175 0.41 12.42 -14.79
C GLY A 175 -1.09 12.31 -14.90
N ARG A 176 -1.61 11.08 -14.91
CA ARG A 176 -3.04 10.87 -15.01
C ARG A 176 -3.79 11.52 -13.84
N LEU A 177 -3.47 11.08 -12.63
CA LEU A 177 -4.08 11.61 -11.43
C LEU A 177 -4.02 13.14 -11.44
N ILE A 178 -2.84 13.69 -11.73
CA ILE A 178 -2.66 15.15 -11.75
C ILE A 178 -3.75 15.85 -12.55
N ASP A 179 -3.99 15.36 -13.76
CA ASP A 179 -5.00 15.98 -14.61
C ASP A 179 -6.40 15.89 -13.98
N PHE A 180 -6.63 14.86 -13.17
CA PHE A 180 -7.93 14.74 -12.51
C PHE A 180 -8.01 15.61 -11.26
N LEU A 181 -6.87 15.97 -10.70
CA LEU A 181 -6.81 16.80 -9.50
C LEU A 181 -7.02 18.29 -9.79
N GLU A 182 -6.35 18.82 -10.80
CA GLU A 182 -6.51 20.24 -11.12
C GLU A 182 -7.94 20.53 -11.59
N CYS A 183 -8.62 19.48 -12.06
CA CYS A 183 -10.03 19.61 -12.44
C CYS A 183 -10.70 19.06 -11.18
N GLY A 184 -11.94 19.43 -10.91
CA GLY A 184 -12.57 18.92 -9.70
C GLY A 184 -13.06 17.49 -9.78
N LYS A 185 -12.34 16.62 -10.46
CA LYS A 185 -12.80 15.24 -10.58
C LYS A 185 -12.65 14.43 -9.30
N THR A 186 -11.74 14.84 -8.43
CA THR A 186 -11.55 14.13 -7.15
C THR A 186 -10.59 14.91 -6.25
N ASN A 187 -10.21 14.33 -5.11
CA ASN A 187 -9.30 15.03 -4.20
C ASN A 187 -8.66 14.16 -3.13
N LEU A 188 -7.46 14.57 -2.72
CA LEU A 188 -6.69 13.85 -1.72
C LEU A 188 -6.84 14.49 -0.34
N ARG A 189 -8.04 15.00 -0.04
CA ARG A 189 -8.28 15.62 1.27
C ARG A 189 -8.57 14.55 2.32
N ARG A 190 -8.98 13.39 1.83
CA ARG A 190 -9.35 12.28 2.68
C ARG A 190 -8.25 11.22 2.73
N THR A 191 -7.21 11.38 1.93
CA THR A 191 -6.15 10.38 1.91
C THR A 191 -5.25 10.42 3.13
N THR A 192 -5.12 9.26 3.77
CA THR A 192 -4.31 9.12 4.95
C THR A 192 -3.36 7.95 4.72
N TYR A 193 -3.68 7.13 3.73
CA TYR A 193 -2.87 5.97 3.42
C TYR A 193 -2.29 6.01 2.00
N LEU A 194 -1.00 6.35 1.89
CA LEU A 194 -0.34 6.45 0.58
C LEU A 194 0.64 5.33 0.25
N VAL A 195 0.47 4.73 -0.91
CA VAL A 195 1.38 3.66 -1.35
C VAL A 195 2.00 4.11 -2.67
N LEU A 196 3.26 3.75 -2.87
CA LEU A 196 3.92 4.12 -4.11
C LEU A 196 4.61 2.87 -4.54
N ASP A 197 4.15 2.28 -5.65
CA ASP A 197 4.75 1.06 -6.15
C ASP A 197 5.75 1.29 -7.28
N GLU A 198 6.79 0.45 -7.31
CA GLU A 198 7.86 0.51 -8.32
C GLU A 198 8.31 1.95 -8.52
N ALA A 199 8.60 2.63 -7.42
CA ALA A 199 9.04 4.02 -7.52
C ALA A 199 10.40 4.14 -8.20
N ASP A 200 11.09 3.02 -8.42
CA ASP A 200 12.37 3.12 -9.09
C ASP A 200 12.04 3.40 -10.54
N ARG A 201 11.00 2.76 -11.04
CA ARG A 201 10.57 2.99 -12.40
C ARG A 201 9.94 4.38 -12.52
N MET A 202 9.19 4.79 -11.50
CA MET A 202 8.54 6.10 -11.50
C MET A 202 9.51 7.28 -11.58
N LEU A 203 10.69 7.13 -11.02
CA LEU A 203 11.68 8.19 -11.07
C LEU A 203 12.36 8.26 -12.44
N ASP A 204 12.70 7.09 -12.99
CA ASP A 204 13.35 7.04 -14.29
C ASP A 204 12.45 7.49 -15.43
N MET A 205 11.15 7.42 -15.22
CA MET A 205 10.22 7.83 -16.27
C MET A 205 9.90 9.30 -16.16
N GLY A 206 10.63 10.01 -15.30
CA GLY A 206 10.44 11.44 -15.10
C GLY A 206 9.13 11.84 -14.43
N PHE A 207 8.66 11.06 -13.47
CA PHE A 207 7.41 11.37 -12.78
C PHE A 207 7.60 12.03 -11.43
N GLU A 208 8.85 12.11 -10.98
CA GLU A 208 9.20 12.70 -9.69
C GLU A 208 8.54 14.02 -9.34
N PRO A 209 8.44 14.95 -10.31
CA PRO A 209 7.81 16.24 -10.01
C PRO A 209 6.29 16.10 -9.85
N GLN A 210 5.64 15.32 -10.71
CA GLN A 210 4.20 15.12 -10.63
C GLN A 210 3.91 14.48 -9.28
N ILE A 211 4.77 13.53 -8.91
CA ILE A 211 4.64 12.82 -7.64
C ILE A 211 4.75 13.78 -6.46
N ARG A 212 5.75 14.65 -6.50
CA ARG A 212 5.95 15.63 -5.45
C ARG A 212 4.73 16.52 -5.31
N LYS A 213 4.25 17.02 -6.45
CA LYS A 213 3.07 17.89 -6.46
C LYS A 213 1.90 17.19 -5.75
N ILE A 214 1.82 15.88 -5.96
CA ILE A 214 0.78 15.06 -5.38
C ILE A 214 0.99 14.88 -3.88
N VAL A 215 2.12 14.32 -3.48
CA VAL A 215 2.29 14.12 -2.05
C VAL A 215 2.20 15.43 -1.27
N ASP A 216 2.66 16.51 -1.90
CA ASP A 216 2.61 17.83 -1.28
C ASP A 216 1.18 18.33 -1.19
N GLN A 217 0.25 17.39 -1.36
CA GLN A 217 -1.16 17.70 -1.27
C GLN A 217 -1.79 16.70 -0.31
N ILE A 218 -0.95 15.96 0.39
CA ILE A 218 -1.40 14.95 1.34
C ILE A 218 -0.95 15.23 2.79
N ARG A 219 -1.82 14.89 3.74
CA ARG A 219 -1.56 15.05 5.16
C ARG A 219 -0.15 14.52 5.37
N PRO A 220 0.80 15.39 5.75
CA PRO A 220 2.17 14.90 5.96
C PRO A 220 2.22 13.81 7.03
N ASP A 221 1.13 13.70 7.80
CA ASP A 221 1.04 12.70 8.84
C ASP A 221 0.41 11.40 8.34
N ARG A 222 0.34 11.23 7.02
CA ARG A 222 -0.25 10.03 6.45
C ARG A 222 0.72 8.87 6.59
N GLN A 223 0.20 7.66 6.43
CA GLN A 223 1.04 6.47 6.46
C GLN A 223 1.52 6.32 5.01
N THR A 224 2.82 6.20 4.79
CA THR A 224 3.31 6.08 3.43
C THR A 224 4.14 4.84 3.19
N LEU A 225 3.75 4.04 2.21
CA LEU A 225 4.49 2.83 1.89
C LEU A 225 5.09 2.96 0.50
N MET A 226 6.37 2.65 0.40
CA MET A 226 7.02 2.74 -0.89
C MET A 226 7.65 1.42 -1.28
N TRP A 227 7.54 1.06 -2.56
CA TRP A 227 8.18 -0.14 -3.07
C TRP A 227 9.10 0.18 -4.24
N SER A 228 10.30 -0.38 -4.20
CA SER A 228 11.30 -0.14 -5.24
C SER A 228 12.10 -1.42 -5.48
N ALA A 229 12.60 -1.59 -6.70
CA ALA A 229 13.37 -2.77 -6.98
C ALA A 229 14.84 -2.47 -6.68
N THR A 230 15.20 -1.22 -6.93
CA THR A 230 16.56 -0.72 -6.73
C THR A 230 16.57 0.35 -5.65
N TRP A 231 17.72 0.57 -5.02
CA TRP A 231 17.81 1.56 -3.95
C TRP A 231 18.85 2.63 -4.23
N PRO A 232 18.78 3.26 -5.42
CA PRO A 232 19.75 4.30 -5.77
C PRO A 232 19.60 5.49 -4.82
N LYS A 233 20.40 6.52 -5.01
CA LYS A 233 20.30 7.69 -4.16
C LYS A 233 18.93 8.31 -4.38
N GLU A 234 18.44 8.24 -5.62
CA GLU A 234 17.14 8.82 -5.97
C GLU A 234 15.93 8.26 -5.22
N VAL A 235 16.01 7.02 -4.73
CA VAL A 235 14.88 6.47 -3.99
C VAL A 235 15.04 6.76 -2.49
N ARG A 236 16.28 6.93 -2.05
CA ARG A 236 16.52 7.23 -0.64
C ARG A 236 16.03 8.63 -0.37
N GLN A 237 16.47 9.58 -1.18
CA GLN A 237 16.04 10.96 -1.02
C GLN A 237 14.50 10.98 -0.91
N LEU A 238 13.85 10.43 -1.94
CA LEU A 238 12.40 10.36 -2.01
C LEU A 238 11.84 9.79 -0.70
N ALA A 239 12.47 8.72 -0.23
CA ALA A 239 12.08 8.07 1.03
C ALA A 239 12.18 9.01 2.22
N GLU A 240 13.23 9.82 2.26
CA GLU A 240 13.42 10.75 3.37
C GLU A 240 12.45 11.92 3.36
N ASP A 241 12.08 12.38 2.16
CA ASP A 241 11.13 13.47 2.05
C ASP A 241 9.72 13.00 2.35
N PHE A 242 9.41 11.78 1.94
CA PHE A 242 8.08 11.23 2.17
C PHE A 242 7.89 10.51 3.48
N LEU A 243 8.77 9.56 3.77
CA LEU A 243 8.64 8.78 4.98
C LEU A 243 9.30 9.43 6.19
N LYS A 244 9.17 8.75 7.32
CA LYS A 244 9.72 9.21 8.58
C LYS A 244 9.75 8.05 9.57
N ASP A 245 10.93 7.77 10.13
CA ASP A 245 11.13 6.66 11.07
C ASP A 245 10.51 5.40 10.48
N TYR A 246 10.76 5.21 9.21
CA TYR A 246 10.25 4.08 8.48
C TYR A 246 11.06 2.83 8.72
N ILE A 247 10.44 1.68 8.43
CA ILE A 247 11.08 0.39 8.53
C ILE A 247 11.66 0.13 7.12
N HIS A 248 12.84 -0.47 7.04
CA HIS A 248 13.40 -0.75 5.71
C HIS A 248 13.61 -2.24 5.48
N ILE A 249 12.66 -2.87 4.81
CA ILE A 249 12.76 -4.31 4.56
C ILE A 249 13.33 -4.66 3.18
N ASN A 250 14.22 -5.65 3.14
CA ASN A 250 14.88 -6.09 1.91
C ASN A 250 14.67 -7.57 1.61
N ILE A 251 14.37 -7.88 0.36
CA ILE A 251 14.15 -9.27 -0.06
C ILE A 251 14.83 -9.54 -1.41
N GLY A 252 15.02 -8.46 -2.17
CA GLY A 252 15.69 -8.56 -3.45
C GLY A 252 17.02 -7.80 -3.44
N ALA A 253 18.00 -8.40 -2.77
CA ALA A 253 19.37 -7.86 -2.59
C ALA A 253 19.73 -6.59 -3.37
#